data_1AC0
#
_entry.id   1AC0
#
_cell.length_a   1.000
_cell.length_b   1.000
_cell.length_c   1.000
_cell.angle_alpha   90.00
_cell.angle_beta   90.00
_cell.angle_gamma   90.00
#
_symmetry.space_group_name_H-M   'P 1'
#
loop_
_entity.id
_entity.type
_entity.pdbx_description
1 polymer GLUCOAMYLASE
2 branched Cycloheptakis-(1-4)-(alpha-D-glucopyranose)
#
_entity_poly.entity_id   1
_entity_poly.type   'polypeptide(L)'
_entity_poly.pdbx_seq_one_letter_code
;CTTPTAVAVTFDLTATTTYGENIYLVGSISQLGDWETSDGIALSADKYTSSDPLWYVTVTLPAGESFEYKFIRIESDDSV
EWESDPNREYTVPQACGTSTATVTDTWR
;
_entity_poly.pdbx_strand_id   A
#
loop_
_chem_comp.id
_chem_comp.type
_chem_comp.name
_chem_comp.formula
GLC D-saccharide, alpha linking alpha-D-glucopyranose 'C6 H12 O6'
#
# COMPACT_ATOMS: atom_id res chain seq x y z
N CYS A 1 0.39 16.97 -19.49
CA CYS A 1 1.09 15.78 -18.91
C CYS A 1 2.60 16.04 -18.90
N THR A 2 3.39 15.00 -18.75
CA THR A 2 4.86 15.18 -18.74
C THR A 2 5.53 14.03 -19.47
N THR A 3 5.39 12.83 -18.99
CA THR A 3 6.03 11.67 -19.67
C THR A 3 5.80 10.38 -18.87
N PRO A 4 6.19 10.40 -17.61
CA PRO A 4 6.04 9.25 -16.72
C PRO A 4 4.58 9.08 -16.25
N THR A 5 4.21 7.88 -15.88
CA THR A 5 2.81 7.65 -15.43
C THR A 5 2.83 6.89 -14.09
N ALA A 6 3.68 7.29 -13.18
CA ALA A 6 3.75 6.60 -11.87
C ALA A 6 2.65 7.14 -10.95
N VAL A 7 1.97 6.28 -10.24
CA VAL A 7 0.89 6.77 -9.33
C VAL A 7 1.39 6.79 -7.90
N ALA A 8 1.89 7.90 -7.44
CA ALA A 8 2.36 7.96 -6.03
C ALA A 8 1.12 8.09 -5.15
N VAL A 9 0.80 7.08 -4.41
CA VAL A 9 -0.41 7.21 -3.58
C VAL A 9 0.03 7.15 -2.11
N THR A 10 -0.52 7.99 -1.28
CA THR A 10 -0.11 7.97 0.15
C THR A 10 -1.14 7.16 0.92
N PHE A 11 -0.72 6.12 1.59
CA PHE A 11 -1.68 5.31 2.36
C PHE A 11 -1.39 5.49 3.85
N ASP A 12 -2.40 5.39 4.66
CA ASP A 12 -2.20 5.55 6.11
C ASP A 12 -3.04 4.48 6.82
N LEU A 13 -2.41 3.46 7.33
CA LEU A 13 -3.18 2.38 8.00
C LEU A 13 -2.85 2.34 9.48
N THR A 14 -3.85 2.44 10.32
CA THR A 14 -3.58 2.43 11.78
C THR A 14 -3.55 0.99 12.32
N ALA A 15 -2.38 0.53 12.67
CA ALA A 15 -2.24 -0.86 13.21
C ALA A 15 -1.22 -0.84 14.33
N THR A 16 -0.31 -1.76 14.33
CA THR A 16 0.70 -1.81 15.42
C THR A 16 1.62 -3.01 15.23
N THR A 17 2.82 -2.79 14.76
CA THR A 17 3.77 -3.94 14.58
C THR A 17 4.47 -4.23 15.89
N THR A 18 5.24 -5.28 15.94
CA THR A 18 5.97 -5.60 17.17
C THR A 18 7.45 -5.32 16.95
N TYR A 19 7.74 -4.08 16.75
CA TYR A 19 9.13 -3.63 16.54
C TYR A 19 9.86 -4.55 15.56
N GLY A 20 9.30 -4.83 14.39
CA GLY A 20 10.04 -5.71 13.44
C GLY A 20 9.11 -6.36 12.38
N GLU A 21 8.21 -5.62 11.77
CA GLU A 21 7.34 -6.25 10.72
C GLU A 21 6.77 -5.17 9.80
N ASN A 22 5.96 -5.53 8.82
CA ASN A 22 5.42 -4.48 7.89
C ASN A 22 3.97 -4.78 7.51
N ILE A 23 3.15 -3.77 7.51
CA ILE A 23 1.70 -3.94 7.15
C ILE A 23 1.58 -3.68 5.67
N TYR A 24 1.28 -4.71 4.96
CA TYR A 24 1.26 -4.62 3.49
C TYR A 24 0.03 -4.10 2.82
N LEU A 25 0.27 -3.58 1.63
CA LEU A 25 -0.83 -3.09 0.80
C LEU A 25 -0.67 -3.70 -0.60
N VAL A 26 -0.95 -4.96 -0.71
CA VAL A 26 -0.82 -5.66 -2.03
C VAL A 26 -2.05 -5.35 -2.92
N GLY A 27 -1.81 -4.66 -4.01
CA GLY A 27 -2.94 -4.29 -4.96
C GLY A 27 -2.84 -5.18 -6.19
N SER A 28 -3.91 -5.36 -6.94
CA SER A 28 -3.86 -6.30 -8.12
C SER A 28 -3.15 -5.70 -9.32
N ILE A 29 -1.95 -5.22 -9.16
CA ILE A 29 -1.20 -4.74 -10.32
C ILE A 29 0.24 -5.19 -10.17
N SER A 30 0.99 -5.18 -11.22
CA SER A 30 2.40 -5.70 -11.11
C SER A 30 3.18 -4.90 -10.08
N GLN A 31 3.08 -3.61 -10.09
CA GLN A 31 3.80 -2.80 -9.07
C GLN A 31 3.08 -3.07 -7.75
N LEU A 32 1.90 -3.59 -7.88
CA LEU A 32 1.07 -3.94 -6.71
C LEU A 32 0.55 -5.36 -6.90
N GLY A 33 1.43 -6.30 -7.04
CA GLY A 33 0.98 -7.72 -7.29
C GLY A 33 -0.38 -7.97 -6.64
N ASP A 34 -0.58 -7.43 -5.47
CA ASP A 34 -1.87 -7.62 -4.70
C ASP A 34 -2.05 -9.04 -4.29
N TRP A 35 -1.36 -9.90 -4.93
CA TRP A 35 -1.51 -11.32 -4.67
C TRP A 35 -0.12 -11.91 -4.48
N GLU A 36 0.72 -11.05 -4.01
CA GLU A 36 2.13 -11.34 -3.68
C GLU A 36 2.60 -10.11 -2.94
N THR A 37 2.33 -10.05 -1.68
CA THR A 37 2.70 -8.84 -0.91
C THR A 37 4.15 -8.44 -1.25
N SER A 38 4.89 -9.31 -1.89
CA SER A 38 6.30 -8.97 -2.22
C SER A 38 6.35 -7.65 -2.99
N ASP A 39 5.41 -7.42 -3.85
CA ASP A 39 5.39 -6.16 -4.62
C ASP A 39 4.11 -5.38 -4.31
N GLY A 40 3.69 -5.41 -3.08
CA GLY A 40 2.45 -4.67 -2.70
C GLY A 40 2.85 -3.28 -2.25
N ILE A 41 2.50 -2.93 -1.05
CA ILE A 41 2.87 -1.59 -0.52
C ILE A 41 2.98 -1.68 0.99
N ALA A 42 4.18 -1.82 1.48
CA ALA A 42 4.39 -1.94 2.95
C ALA A 42 4.33 -0.56 3.62
N LEU A 43 3.56 -0.47 4.67
CA LEU A 43 3.44 0.80 5.46
C LEU A 43 4.25 0.59 6.74
N SER A 44 4.97 1.58 7.20
CA SER A 44 5.77 1.33 8.44
C SER A 44 5.86 2.57 9.33
N ALA A 45 6.60 2.46 10.43
CA ALA A 45 6.77 3.62 11.36
C ALA A 45 7.97 4.45 10.87
N ASP A 46 7.90 4.95 9.66
CA ASP A 46 9.05 5.76 9.14
C ASP A 46 9.24 6.98 10.04
N LYS A 47 8.26 7.84 10.16
CA LYS A 47 8.41 8.99 11.09
C LYS A 47 8.42 8.36 12.47
N TYR A 48 7.55 7.40 12.63
CA TYR A 48 7.48 6.65 13.90
C TYR A 48 8.88 6.19 14.25
N THR A 49 9.13 5.90 15.49
CA THR A 49 10.51 5.46 15.86
C THR A 49 10.57 3.98 16.19
N SER A 50 9.47 3.38 16.43
CA SER A 50 9.45 1.93 16.74
C SER A 50 9.66 1.15 15.45
N SER A 51 8.74 0.32 15.07
CA SER A 51 8.91 -0.44 13.81
C SER A 51 7.89 0.04 12.80
N ASP A 52 6.63 0.02 13.14
CA ASP A 52 5.58 0.49 12.19
C ASP A 52 4.17 0.29 12.77
N PRO A 53 3.92 0.82 13.95
CA PRO A 53 2.59 0.66 14.57
C PRO A 53 1.45 1.43 13.85
N LEU A 54 1.65 2.63 13.33
CA LEU A 54 0.51 3.27 12.57
C LEU A 54 0.80 3.10 11.09
N TRP A 55 1.83 2.35 10.80
CA TRP A 55 2.24 2.07 9.41
C TRP A 55 1.68 3.08 8.40
N TYR A 56 2.40 4.11 8.08
CA TYR A 56 1.92 5.07 7.05
C TYR A 56 2.48 4.57 5.71
N VAL A 57 2.53 5.38 4.69
CA VAL A 57 3.16 4.88 3.43
C VAL A 57 3.01 5.89 2.29
N THR A 58 3.92 5.80 1.35
CA THR A 58 3.90 6.70 0.16
C THR A 58 4.68 6.02 -0.97
N VAL A 59 4.03 5.19 -1.73
CA VAL A 59 4.74 4.47 -2.83
C VAL A 59 4.16 4.91 -4.18
N THR A 60 4.47 4.20 -5.24
CA THR A 60 3.94 4.61 -6.58
C THR A 60 3.38 3.40 -7.32
N LEU A 61 2.57 3.66 -8.32
CA LEU A 61 1.98 2.56 -9.13
C LEU A 61 1.93 3.04 -10.58
N PRO A 62 2.99 2.79 -11.29
CA PRO A 62 3.15 3.22 -12.69
C PRO A 62 2.34 2.35 -13.65
N ALA A 63 1.18 2.81 -14.05
CA ALA A 63 0.36 2.01 -15.00
C ALA A 63 -0.70 2.91 -15.66
N GLY A 64 -1.64 3.40 -14.88
CA GLY A 64 -2.71 4.26 -15.47
C GLY A 64 -3.89 3.39 -15.89
N GLU A 65 -4.39 2.59 -14.98
CA GLU A 65 -5.54 1.70 -15.33
C GLU A 65 -6.21 1.21 -14.04
N SER A 66 -6.66 -0.02 -14.02
CA SER A 66 -7.33 -0.57 -12.81
C SER A 66 -6.40 -1.57 -12.13
N PHE A 67 -6.11 -1.31 -10.89
CA PHE A 67 -5.24 -2.20 -10.09
C PHE A 67 -6.00 -2.51 -8.82
N GLU A 68 -5.98 -3.72 -8.34
CA GLU A 68 -6.76 -3.99 -7.09
C GLU A 68 -5.96 -3.40 -5.93
N TYR A 69 -6.55 -3.34 -4.78
CA TYR A 69 -5.80 -2.76 -3.65
C TYR A 69 -6.14 -3.52 -2.37
N LYS A 70 -5.83 -4.79 -2.34
CA LYS A 70 -6.11 -5.61 -1.13
C LYS A 70 -5.00 -5.34 -0.12
N PHE A 71 -5.31 -5.41 1.14
CA PHE A 71 -4.26 -5.13 2.14
C PHE A 71 -3.92 -6.38 2.90
N ILE A 72 -2.67 -6.49 3.21
CA ILE A 72 -2.19 -7.65 3.94
C ILE A 72 -1.17 -7.17 4.98
N ARG A 73 -1.45 -7.34 6.23
CA ARG A 73 -0.48 -6.85 7.24
C ARG A 73 0.68 -7.83 7.36
N ILE A 74 1.85 -7.45 6.95
CA ILE A 74 3.01 -8.40 7.07
C ILE A 74 3.46 -8.39 8.54
N GLU A 75 3.85 -9.53 9.07
CA GLU A 75 4.25 -9.58 10.51
C GLU A 75 5.69 -10.07 10.68
N SER A 76 6.19 -10.02 11.89
CA SER A 76 7.59 -10.45 12.18
C SER A 76 7.65 -11.93 12.59
N ASP A 77 6.60 -12.49 13.12
CA ASP A 77 6.66 -13.90 13.57
C ASP A 77 6.05 -14.82 12.52
N ASP A 78 4.75 -14.86 12.44
CA ASP A 78 4.10 -15.76 11.44
C ASP A 78 4.44 -15.28 10.04
N SER A 79 3.64 -14.42 9.49
CA SER A 79 3.92 -13.89 8.13
C SER A 79 2.96 -12.74 7.86
N VAL A 80 2.29 -12.75 6.74
CA VAL A 80 1.36 -11.61 6.46
C VAL A 80 0.01 -11.90 7.10
N GLU A 81 -0.92 -11.05 6.80
CA GLU A 81 -2.30 -11.20 7.28
C GLU A 81 -3.15 -10.47 6.26
N TRP A 82 -3.31 -11.06 5.13
CA TRP A 82 -4.06 -10.39 4.04
C TRP A 82 -5.42 -9.88 4.50
N GLU A 83 -5.46 -8.69 5.04
CA GLU A 83 -6.76 -8.12 5.43
C GLU A 83 -7.53 -7.98 4.12
N SER A 84 -8.21 -9.01 3.75
CA SER A 84 -8.94 -9.01 2.46
C SER A 84 -10.38 -8.55 2.70
N ASP A 85 -10.62 -7.89 3.80
CA ASP A 85 -11.99 -7.38 4.08
C ASP A 85 -12.12 -5.98 3.49
N PRO A 86 -11.38 -5.03 4.03
CA PRO A 86 -11.39 -3.64 3.53
C PRO A 86 -10.53 -3.55 2.27
N ASN A 87 -11.03 -4.00 1.15
CA ASN A 87 -10.22 -3.95 -0.10
C ASN A 87 -10.64 -2.76 -0.96
N ARG A 88 -9.89 -2.45 -1.99
CA ARG A 88 -10.24 -1.30 -2.86
C ARG A 88 -9.79 -1.58 -4.30
N GLU A 89 -9.78 -0.58 -5.13
CA GLU A 89 -9.35 -0.78 -6.55
C GLU A 89 -8.96 0.58 -7.14
N TYR A 90 -7.73 0.97 -6.99
CA TYR A 90 -7.29 2.27 -7.53
C TYR A 90 -7.30 2.25 -9.05
N THR A 91 -8.31 2.81 -9.64
CA THR A 91 -8.35 2.84 -11.13
C THR A 91 -7.58 4.08 -11.59
N VAL A 92 -6.28 4.07 -11.42
CA VAL A 92 -5.49 5.26 -11.80
C VAL A 92 -5.70 5.52 -13.30
N PRO A 93 -6.05 6.74 -13.63
CA PRO A 93 -6.29 7.16 -15.02
C PRO A 93 -4.96 7.40 -15.74
N GLN A 94 -4.97 7.45 -17.04
CA GLN A 94 -3.71 7.69 -17.78
C GLN A 94 -3.51 9.19 -17.98
N ALA A 95 -4.53 9.98 -17.74
CA ALA A 95 -4.39 11.45 -17.91
C ALA A 95 -3.29 11.97 -16.97
N CYS A 96 -3.15 13.26 -16.88
CA CYS A 96 -2.10 13.83 -15.98
C CYS A 96 -2.73 14.89 -15.08
N GLY A 97 -1.93 15.52 -14.26
CA GLY A 97 -2.48 16.58 -13.36
C GLY A 97 -2.77 15.98 -11.98
N THR A 98 -2.85 14.68 -11.89
CA THR A 98 -3.13 14.04 -10.58
C THR A 98 -2.65 12.58 -10.61
N SER A 99 -1.39 12.37 -10.76
CA SER A 99 -0.86 10.97 -10.79
C SER A 99 -0.49 10.52 -9.38
N THR A 100 -1.13 11.08 -8.39
CA THR A 100 -0.82 10.70 -6.99
C THR A 100 -1.99 11.10 -6.09
N ALA A 101 -2.53 10.17 -5.36
CA ALA A 101 -3.69 10.53 -4.48
C ALA A 101 -3.51 9.90 -3.09
N THR A 102 -4.59 9.55 -2.45
CA THR A 102 -4.48 8.95 -1.09
C THR A 102 -5.07 7.54 -1.09
N VAL A 103 -4.86 6.85 -0.01
CA VAL A 103 -5.34 5.46 0.09
C VAL A 103 -5.41 5.12 1.59
N THR A 104 -6.43 5.57 2.27
CA THR A 104 -6.52 5.32 3.74
C THR A 104 -7.13 3.99 4.12
N ASP A 105 -6.63 3.44 5.19
CA ASP A 105 -7.17 2.18 5.72
C ASP A 105 -6.71 2.04 7.17
N THR A 106 -7.17 1.03 7.87
CA THR A 106 -6.73 0.87 9.28
C THR A 106 -6.99 -0.55 9.75
N TRP A 107 -6.17 -1.04 10.63
CA TRP A 107 -6.33 -2.43 11.11
C TRP A 107 -7.39 -2.53 12.20
N ARG A 108 -8.08 -3.63 12.24
CA ARG A 108 -9.15 -3.81 13.25
C ARG A 108 -9.32 -5.31 13.54
C1 GLC B . -3.51 -16.35 -1.08
C2 GLC B . -2.72 -15.34 -1.91
C3 GLC B . -2.04 -14.24 -1.07
C4 GLC B . -1.23 -14.82 0.08
C5 GLC B . -1.63 -16.24 0.45
C6 GLC B . -1.31 -16.55 1.90
O2 GLC B . -1.79 -15.95 -2.79
O3 GLC B . -3.04 -13.39 -0.54
O4 GLC B . 0.19 -14.72 -0.14
O5 GLC B . -3.05 -16.39 0.27
O6 GLC B . -2.44 -17.09 2.57
H1 GLC B . -4.55 -16.04 -0.95
H2 GLC B . -3.43 -14.86 -2.60
H3 GLC B . -1.34 -13.63 -1.65
H4 GLC B . -1.41 -14.18 0.96
H5 GLC B . -1.12 -17.00 -0.18
H61 GLC B . -0.99 -15.60 2.37
H62 GLC B . -0.46 -17.25 1.93
HO2 GLC B . -1.76 -15.46 -3.62
HO3 GLC B . -3.33 -13.72 0.31
HO6 GLC B . -2.14 -17.61 3.32
C1 GLC B . 0.67 -15.08 -1.40
C2 GLC B . 2.13 -14.71 -1.57
C3 GLC B . 2.60 -15.02 -2.98
C4 GLC B . 2.18 -16.42 -3.42
C5 GLC B . 1.48 -17.17 -2.30
C6 GLC B . 2.39 -17.47 -1.12
O2 GLC B . 2.31 -13.33 -1.30
O3 GLC B . 4.02 -14.92 -3.04
O4 GLC B . 1.32 -16.34 -4.57
O5 GLC B . 0.36 -16.41 -1.81
O6 GLC B . 2.68 -18.86 -1.03
H1 GLC B . 0.02 -14.50 -2.07
H2 GLC B . 2.73 -15.27 -0.85
H3 GLC B . 2.15 -14.30 -3.67
H4 GLC B . 3.09 -16.99 -3.69
H5 GLC B . 1.09 -18.12 -2.69
H61 GLC B . 1.92 -17.13 -0.18
H62 GLC B . 3.33 -16.92 -1.25
HO2 GLC B . 3.20 -13.17 -0.98
HO3 GLC B . 4.42 -15.78 -2.89
HO6 GLC B . 1.88 -19.34 -0.78
C1 GLC B . 1.99 -16.25 -5.80
C2 GLC B . 1.46 -15.04 -6.58
C3 GLC B . 2.29 -14.84 -7.84
C4 GLC B . 2.40 -16.17 -8.58
C5 GLC B . 1.54 -17.27 -7.96
C6 GLC B . 1.75 -18.62 -8.63
O2 GLC B . 0.10 -15.25 -6.92
O3 GLC B . 3.59 -14.38 -7.49
O4 GLC B . 2.13 -16.01 -10.00
O5 GLC B . 1.85 -17.45 -6.56
O6 GLC B . 0.68 -19.51 -8.35
H1 GLC B . 3.05 -16.15 -5.59
H2 GLC B . 1.57 -14.15 -5.95
H3 GLC B . 1.80 -14.10 -8.48
H4 GLC B . 3.45 -16.49 -8.54
H5 GLC B . 0.46 -17.02 -8.00
H61 GLC B . 2.68 -19.04 -8.23
H62 GLC B . 1.90 -18.51 -9.71
HO2 GLC B . -0.43 -15.25 -6.12
HO3 GLC B . 4.19 -15.12 -7.47
HO6 GLC B . 0.11 -19.58 -9.12
C1 GLC B . 0.86 -16.38 -10.46
C2 GLC B . 0.71 -15.96 -11.90
C3 GLC B . -0.63 -16.45 -12.45
C4 GLC B . -1.81 -16.14 -11.51
C5 GLC B . -1.48 -16.30 -10.01
C6 GLC B . -1.51 -17.76 -9.56
O2 GLC B . 0.78 -14.55 -12.01
O3 GLC B . -0.57 -17.84 -12.68
O4 GLC B . -2.33 -14.81 -11.78
O5 GLC B . -0.18 -15.79 -9.70
O6 GLC B . -1.23 -18.64 -10.63
H1 GLC B . 0.73 -17.46 -10.31
H2 GLC B . 1.52 -16.42 -12.49
H3 GLC B . -0.81 -15.94 -13.40
H4 GLC B . -2.60 -16.87 -11.74
H5 GLC B . -2.18 -15.78 -9.36
H61 GLC B . -0.80 -17.92 -8.74
H62 GLC B . -2.51 -17.96 -9.17
HO2 GLC B . 0.74 -14.30 -12.93
HO3 GLC B . 0.17 -18.22 -12.20
HO6 GLC B . -1.89 -19.33 -10.66
C1 GLC B . -1.83 -13.75 -11.03
C2 GLC B . -2.46 -12.45 -11.52
C3 GLC B . -3.18 -11.69 -10.40
C4 GLC B . -4.24 -12.61 -9.79
C5 GLC B . -3.60 -13.92 -9.39
C6 GLC B . -4.23 -15.09 -10.12
O2 GLC B . -1.51 -11.61 -12.17
O3 GLC B . -3.80 -10.52 -10.92
O4 GLC B . -4.83 -12.00 -8.61
O5 GLC B . -2.18 -13.92 -9.66
O6 GLC B . -4.48 -14.76 -11.49
H1 GLC B . -0.73 -13.79 -11.11
H2 GLC B . -3.16 -12.68 -12.32
H3 GLC B . -2.41 -11.47 -9.66
H4 GLC B . -5.01 -12.80 -10.53
H5 GLC B . -3.65 -13.70 -8.30
H61 GLC B . -3.69 -16.03 -10.04
H62 GLC B . -5.22 -15.25 -9.72
HO2 GLC B . -1.73 -10.69 -12.02
HO3 GLC B . -3.48 -9.76 -10.44
HO6 GLC B . -4.51 -15.56 -12.01
C1 GLC B . -5.94 -12.66 -8.08
C2 GLC B . -6.03 -12.44 -6.57
C3 GLC B . -6.95 -13.42 -5.86
C4 GLC B . -6.62 -14.88 -6.16
C5 GLC B . -5.62 -14.97 -7.32
C6 GLC B . -5.39 -16.36 -7.89
O2 GLC B . -4.75 -12.45 -5.96
O3 GLC B . -8.33 -13.14 -6.12
O4 GLC B . -6.04 -15.49 -4.98
O5 GLC B . -5.96 -14.07 -8.41
O6 GLC B . -6.38 -16.69 -8.86
H1 GLC B . -6.81 -12.25 -8.59
H2 GLC B . -6.38 -11.41 -6.40
H3 GLC B . -7.25 -13.61 -6.89
H4 GLC B . -7.56 -15.41 -6.40
H5 GLC B . -4.66 -14.62 -6.89
H61 GLC B . -5.41 -17.10 -7.10
H62 GLC B . -4.38 -16.40 -8.33
HO2 GLC B . -4.86 -12.48 -5.00
HO3 GLC B . -8.86 -13.50 -5.40
HO6 GLC B . -7.22 -16.83 -8.42
C1 GLC B . -6.11 -16.88 -4.94
C2 GLC B . -6.73 -17.33 -3.61
C3 GLC B . -5.75 -17.14 -2.45
C4 GLC B . -4.43 -17.82 -2.77
C5 GLC B . -3.89 -17.27 -4.08
C6 GLC B . -2.59 -17.93 -4.49
O2 GLC B . -7.92 -16.60 -3.36
O3 GLC B . -6.31 -17.69 -1.26
O4 GLC B . -3.48 -17.60 -1.70
O5 GLC B . -4.83 -17.49 -5.13
O6 GLC B . -2.78 -19.30 -4.79
H1 GLC B . -6.72 -17.19 -5.79
H2 GLC B . -6.97 -18.40 -3.69
H3 GLC B . -5.60 -16.06 -2.34
H4 GLC B . -4.61 -18.90 -2.89
H5 GLC B . -3.73 -16.18 -3.98
H61 GLC B . -1.87 -17.84 -3.67
H62 GLC B . -2.17 -17.40 -5.36
HO2 GLC B . -8.53 -17.14 -2.87
HO3 GLC B . -5.72 -17.51 -0.52
HO6 GLC B . -2.67 -19.82 -3.98
C1 GLC C . 2.96 6.18 17.12
C2 GLC C . 3.80 5.18 16.33
C3 GLC C . 5.06 4.72 17.06
C4 GLC C . 5.31 5.59 18.28
C5 GLC C . 5.09 7.04 17.88
C6 GLC C . 5.91 7.44 16.66
O2 GLC C . 2.99 4.06 16.02
O3 GLC C . 6.17 4.84 16.18
O4 GLC C . 4.41 5.23 19.35
O5 GLC C . 3.71 7.30 17.57
O6 GLC C . 7.08 8.15 17.03
H1 GLC C . 2.15 6.56 16.39
H2 GLC C . 4.17 5.77 15.53
H3 GLC C . 5.15 3.63 17.03
H4 GLC C . 6.34 5.45 18.61
H5 GLC C . 5.35 7.71 18.71
H61 GLC C . 5.23 8.11 16.13
H62 GLC C . 6.18 6.57 15.99
HO2 GLC C . 3.12 3.72 15.13
HO3 GLC C . 6.74 4.07 16.27
HO6 GLC C . 6.93 8.74 17.78
C1 GLC C . 4.55 5.96 20.54
C2 GLC C . 5.98 6.45 20.67
C3 GLC C . 6.07 7.43 21.84
C4 GLC C . 5.34 6.94 23.10
C5 GLC C . 4.17 5.94 22.91
C6 GLC C . 2.76 6.48 23.09
O2 GLC C . 6.85 5.36 20.91
O3 GLC C . 5.50 8.69 21.44
O4 GLC C . 6.28 6.45 24.08
O5 GLC C . 4.22 5.19 21.68
O6 GLC C . 2.77 7.76 23.69
H1 GLC C . 3.81 6.78 20.50
H2 GLC C . 6.33 6.99 19.79
H3 GLC C . 7.13 7.58 22.08
H4 GLC C . 4.89 7.84 23.53
H5 GLC C . 4.33 5.21 23.74
H61 GLC C . 2.19 5.78 23.72
H62 GLC C . 2.26 6.51 22.11
HO2 GLC C . 7.50 5.30 20.20
HO3 GLC C . 6.19 9.36 21.48
HO6 GLC C . 3.05 8.41 23.05
C1 GLC C . 6.32 5.07 24.29
C2 GLC C . 7.48 4.71 25.19
C3 GLC C . 8.25 3.52 24.63
C4 GLC C . 7.25 2.42 24.23
C5 GLC C . 6.26 2.93 23.19
C6 GLC C . 4.83 2.65 23.56
O2 GLC C . 8.36 5.81 25.31
O3 GLC C . 9.17 3.02 25.58
O4 GLC C . 7.97 1.27 23.72
O5 GLC C . 6.41 4.35 23.06
O6 GLC C . 3.95 3.00 22.51
H1 GLC C . 5.35 4.80 24.74
H2 GLC C . 7.09 4.43 26.18
H3 GLC C . 8.77 3.88 23.72
H4 GLC C . 6.70 2.13 25.13
H5 GLC C . 6.45 2.49 22.21
H61 GLC C . 4.72 1.57 23.78
H62 GLC C . 4.56 3.20 24.48
HO2 GLC C . 8.38 6.32 24.49
HO3 GLC C . 9.63 3.75 25.99
HO6 GLC C . 4.41 2.89 21.67
C1 GLC C . 9.07 1.51 22.89
C2 GLC C . 8.68 1.27 21.43
C3 GLC C . 8.05 -0.10 21.31
C4 GLC C . 8.54 -1.06 22.41
C5 GLC C . 9.95 -0.75 22.93
C6 GLC C . 11.12 -1.24 22.11
O2 GLC C . 7.85 2.29 20.93
O3 GLC C . 8.23 -0.65 20.02
O4 GLC C . 7.61 -1.04 23.51
O5 GLC C . 10.15 0.66 23.23
O6 GLC C . 12.17 -1.73 22.93
H1 GLC C . 9.46 2.52 23.06
H2 GLC C . 9.57 1.35 20.79
H3 GLC C . 6.96 0.02 21.35
H4 GLC C . 8.55 -2.08 21.99
H5 GLC C . 10.02 -0.33 21.95
H61 GLC C . 10.77 -2.04 21.44
H62 GLC C . 11.54 -0.43 21.48
HO2 GLC C . 7.66 2.11 20.00
HO3 GLC C . 7.93 -1.57 20.02
HO6 GLC C . 11.87 -2.52 23.40
C1 GLC C . 6.27 -0.86 23.14
C2 GLC C . 5.37 -1.01 24.37
C3 GLC C . 3.88 -1.01 24.00
C4 GLC C . 3.71 -0.64 22.54
C5 GLC C . 4.52 -1.59 21.64
C6 GLC C . 4.59 -1.26 20.15
O2 GLC C . 5.71 -2.15 25.15
O3 GLC C . 3.19 -0.08 24.83
O4 GLC C . 2.32 -0.72 22.17
O5 GLC C . 5.87 -1.77 22.13
O6 GLC C . 3.72 -0.19 19.82
H1 GLC C . 6.18 0.14 22.71
H2 GLC C . 5.57 -0.17 25.06
H3 GLC C . 3.46 -2.02 24.17
H4 GLC C . 4.05 0.41 22.42
H5 GLC C . 3.98 -2.54 21.73
H61 GLC C . 5.62 -1.01 19.87
H62 GLC C . 4.34 -2.16 19.57
HO2 GLC C . 5.85 -1.88 26.06
HO3 GLC C . 3.80 0.60 25.10
HO6 GLC C . 2.83 -0.39 20.14
C1 GLC C . 1.43 -0.10 23.05
C2 GLC C . 1.67 1.41 23.04
C3 GLC C . 1.44 1.96 21.63
C4 GLC C . 0.28 1.22 20.96
C5 GLC C . -0.65 0.52 21.96
C6 GLC C . -1.79 -0.22 21.29
O2 GLC C . 0.79 2.05 23.95
O3 GLC C . 2.62 1.80 20.86
O4 GLC C . -0.48 2.07 20.08
O5 GLC C . 0.07 -0.45 22.76
O6 GLC C . -2.77 -0.62 22.24
H1 GLC C . 1.60 -0.55 24.04
H2 GLC C . 2.72 1.58 23.33
H3 GLC C . 1.21 3.04 21.71
H4 GLC C . 0.71 0.47 20.29
H5 GLC C . -1.09 1.25 22.67
H61 GLC C . -1.38 -1.10 20.78
H62 GLC C . -2.23 0.43 20.53
HO2 GLC C . 1.00 2.98 24.00
HO3 GLC C . 2.69 2.54 20.24
HO6 GLC C . -2.64 -0.13 23.04
C1 GLC C . 0.24 3.04 19.36
C2 GLC C . -0.37 3.28 17.99
C3 GLC C . 0.45 4.28 17.18
C4 GLC C . 0.86 5.49 18.03
C5 GLC C . 0.20 5.46 19.41
C6 GLC C . -1.31 5.57 19.36
O2 GLC C . -0.43 2.05 17.28
O3 GLC C . -0.33 4.73 16.07
O4 GLC C . 2.29 5.53 18.16
O5 GLC C . 0.52 4.23 20.09
O6 GLC C . -1.92 4.85 20.42
H1 GLC C . 1.24 2.59 19.30
H2 GLC C . -1.41 3.62 18.09
H3 GLC C . 1.32 3.77 16.77
H4 GLC C . 0.51 6.39 17.51
H5 GLC C . 0.58 6.28 20.02
H61 GLC C . -1.59 6.63 19.45
H62 GLC C . -1.71 5.25 18.39
HO2 GLC C . 0.18 1.42 17.69
HO3 GLC C . -1.26 4.62 16.26
HO6 GLC C . -1.73 5.28 21.26
#